data_6YK8
#
_entry.id   6YK8
#
_cell.length_a   38.534
_cell.length_b   140.979
_cell.length_c   57.437
_cell.angle_alpha   90.000
_cell.angle_beta   90.000
_cell.angle_gamma   90.000
#
_symmetry.space_group_name_H-M   'P 1 21 1'
#
loop_
_entity.id
_entity.type
_entity.pdbx_description
1 polymer 'Uncharacterized protein'
2 non-polymer 'PLATINUM (II) ION'
3 water water
#
_entity_poly.entity_id   1
_entity_poly.type   'polypeptide(L)'
_entity_poly.pdbx_seq_one_letter_code
;FNVDNSGKGNCLYYAYSISLMYYLRAKNNVKITEDIFNKLGLKEEDRARLRKLLSKDPDRAFTRDEIKTIIEPILGRATR
DLAAEHTKVEFKSSPHDTPLFSSLHYAVEFGFKRSLQINESELTLLIDNDFSNPDYTEAEIYKVSGLLDALQEYILTRTP
SVIEEFNRQWENKKQELKEQSLTEKEIQVHQATILDNILRKETIDFLLAENEKHLDEYREHLRREFVWGSEETLMVLHRA
IQGERMVRNHEGRIEPVYDHEIILHVHRNGASPSYQAGSPEMILNNEGNVHWTSIIP
;
_entity_poly.pdbx_strand_id   A,B
#
loop_
_chem_comp.id
_chem_comp.type
_chem_comp.name
_chem_comp.formula
PT non-polymer 'PLATINUM (II) ION' 'Pt 2'
#
# COMPACT_ATOMS: atom_id res chain seq x y z
N CYS A 11 -24.90 -2.28 0.56
CA CYS A 11 -26.14 -3.00 0.34
C CYS A 11 -26.01 -3.97 -0.86
N LEU A 12 -25.16 -5.01 -0.73
CA LEU A 12 -24.63 -5.72 -1.89
C LEU A 12 -25.64 -6.64 -2.59
N TYR A 13 -26.25 -7.59 -1.86
CA TYR A 13 -27.11 -8.55 -2.53
C TYR A 13 -28.31 -7.88 -3.22
N TYR A 14 -28.88 -6.85 -2.57
CA TYR A 14 -29.93 -6.04 -3.21
C TYR A 14 -29.42 -5.44 -4.51
N ALA A 15 -28.30 -4.75 -4.45
CA ALA A 15 -27.77 -4.16 -5.67
C ALA A 15 -27.40 -5.24 -6.69
N TYR A 16 -26.80 -6.35 -6.25
CA TYR A 16 -26.53 -7.45 -7.17
C TYR A 16 -27.80 -7.97 -7.80
N SER A 17 -28.84 -8.19 -6.98
CA SER A 17 -30.13 -8.65 -7.47
C SER A 17 -30.67 -7.70 -8.53
N ILE A 18 -30.71 -6.41 -8.22
CA ILE A 18 -31.28 -5.46 -9.17
C ILE A 18 -30.47 -5.50 -10.45
N SER A 19 -29.16 -5.53 -10.31
CA SER A 19 -28.34 -5.49 -11.52
C SER A 19 -28.50 -6.78 -12.32
N LEU A 20 -28.71 -7.90 -11.63
CA LEU A 20 -28.96 -9.16 -12.30
C LEU A 20 -30.29 -9.18 -13.04
N MET A 21 -31.30 -8.47 -12.52
CA MET A 21 -32.58 -8.39 -13.22
C MET A 21 -32.44 -7.54 -14.48
N TYR A 22 -31.62 -6.50 -14.42
CA TYR A 22 -31.46 -5.70 -15.63
C TYR A 22 -30.77 -6.50 -16.72
N TYR A 23 -29.83 -7.38 -16.34
CA TYR A 23 -29.14 -8.22 -17.30
C TYR A 23 -30.04 -9.29 -17.88
N LEU A 24 -31.01 -9.77 -17.12
CA LEU A 24 -31.89 -10.81 -17.65
C LEU A 24 -32.90 -10.22 -18.61
N ARG A 25 -33.69 -9.25 -18.13
CA ARG A 25 -34.57 -8.47 -19.00
C ARG A 25 -33.85 -7.94 -20.24
N ALA A 26 -32.53 -7.74 -20.17
CA ALA A 26 -31.80 -7.24 -21.33
C ALA A 26 -31.46 -8.35 -22.33
N LYS A 27 -31.24 -9.58 -21.86
CA LYS A 27 -30.91 -10.69 -22.76
C LYS A 27 -32.15 -11.37 -23.34
N ASN A 28 -33.28 -11.31 -22.64
CA ASN A 28 -34.56 -11.82 -23.14
C ASN A 28 -34.43 -13.26 -23.63
N ASN A 29 -33.85 -14.11 -22.78
CA ASN A 29 -33.56 -15.51 -23.06
C ASN A 29 -34.01 -16.36 -21.88
N VAL A 30 -34.96 -17.26 -22.13
CA VAL A 30 -35.48 -18.06 -21.04
C VAL A 30 -34.47 -19.10 -20.60
N LYS A 31 -33.54 -19.46 -21.49
CA LYS A 31 -32.58 -20.50 -21.14
C LYS A 31 -31.58 -19.98 -20.11
N ILE A 32 -30.94 -18.85 -20.40
CA ILE A 32 -30.04 -18.22 -19.45
C ILE A 32 -30.79 -17.84 -18.19
N THR A 33 -32.00 -17.30 -18.34
CA THR A 33 -32.85 -16.99 -17.20
C THR A 33 -33.17 -18.22 -16.36
N GLU A 34 -33.54 -19.31 -17.02
CA GLU A 34 -33.93 -20.49 -16.27
C GLU A 34 -32.72 -21.14 -15.61
N ASP A 35 -31.61 -21.21 -16.34
CA ASP A 35 -30.39 -21.76 -15.78
C ASP A 35 -30.01 -21.04 -14.50
N ILE A 36 -30.02 -19.70 -14.53
CA ILE A 36 -29.61 -18.90 -13.38
C ILE A 36 -30.65 -18.98 -12.27
N PHE A 37 -31.93 -19.09 -12.63
CA PHE A 37 -32.93 -19.37 -11.61
C PHE A 37 -32.62 -20.69 -10.92
N ASN A 38 -32.11 -21.66 -11.68
CA ASN A 38 -31.78 -22.96 -11.08
C ASN A 38 -30.63 -22.82 -10.10
N LYS A 39 -29.56 -22.12 -10.50
CA LYS A 39 -28.43 -21.94 -9.60
C LYS A 39 -28.86 -21.30 -8.30
N LEU A 40 -29.91 -20.47 -8.33
CA LEU A 40 -30.41 -19.89 -7.09
C LEU A 40 -31.44 -20.76 -6.41
N GLY A 41 -31.79 -21.89 -7.02
CA GLY A 41 -32.74 -22.81 -6.39
C GLY A 41 -34.07 -22.17 -6.05
N LEU A 42 -34.59 -21.31 -6.92
CA LEU A 42 -35.85 -20.63 -6.62
C LEU A 42 -37.05 -21.52 -6.89
N LYS A 43 -38.01 -21.47 -5.96
CA LYS A 43 -39.29 -22.13 -6.17
C LYS A 43 -40.03 -21.51 -7.35
N GLU A 44 -40.75 -22.37 -8.11
CA GLU A 44 -41.40 -21.92 -9.33
C GLU A 44 -42.40 -20.81 -9.06
N GLU A 45 -43.03 -20.83 -7.89
CA GLU A 45 -43.87 -19.70 -7.48
C GLU A 45 -43.10 -18.39 -7.61
N ASP A 46 -41.89 -18.35 -7.05
CA ASP A 46 -41.08 -17.14 -7.13
C ASP A 46 -40.58 -16.89 -8.54
N ARG A 47 -40.27 -17.96 -9.29
CA ARG A 47 -39.80 -17.71 -10.66
C ARG A 47 -40.85 -17.02 -11.51
N ALA A 48 -42.12 -17.07 -11.08
CA ALA A 48 -43.18 -16.40 -11.83
C ALA A 48 -43.21 -14.91 -11.53
N ARG A 49 -43.12 -14.56 -10.25
CA ARG A 49 -43.10 -13.16 -9.86
C ARG A 49 -41.97 -12.40 -10.55
N LEU A 50 -40.81 -13.04 -10.71
CA LEU A 50 -39.69 -12.36 -11.38
C LEU A 50 -39.94 -12.21 -12.88
N ARG A 51 -40.40 -13.27 -13.55
CA ARG A 51 -40.51 -13.18 -15.02
C ARG A 51 -41.54 -12.13 -15.44
N LYS A 52 -42.57 -11.91 -14.61
CA LYS A 52 -43.44 -10.76 -14.84
C LYS A 52 -42.62 -9.49 -15.00
N LEU A 53 -41.60 -9.32 -14.13
CA LEU A 53 -40.77 -8.13 -14.22
C LEU A 53 -39.89 -8.14 -15.47
N LEU A 54 -39.58 -9.32 -16.00
CA LEU A 54 -38.69 -9.36 -17.16
C LEU A 54 -39.37 -8.86 -18.42
N SER A 55 -40.71 -8.85 -18.46
CA SER A 55 -41.44 -8.18 -19.54
C SER A 55 -41.60 -6.69 -19.24
N LYS A 56 -42.49 -6.03 -19.96
CA LYS A 56 -42.92 -4.66 -19.67
C LYS A 56 -41.74 -3.68 -19.58
N ASP A 57 -40.61 -4.02 -20.22
CA ASP A 57 -39.38 -3.21 -20.23
C ASP A 57 -39.68 -1.74 -20.56
N PRO A 58 -38.79 -0.78 -20.19
CA PRO A 58 -39.11 0.63 -20.41
C PRO A 58 -38.61 1.16 -21.75
N ALA A 61 -35.30 0.98 -15.07
CA ALA A 61 -36.61 1.50 -14.71
C ALA A 61 -37.50 0.45 -14.03
N PHE A 62 -37.04 -0.13 -12.91
CA PHE A 62 -37.87 -0.93 -12.02
C PHE A 62 -38.39 -0.05 -10.90
N THR A 63 -39.66 -0.23 -10.52
CA THR A 63 -40.22 0.64 -9.50
C THR A 63 -39.63 0.32 -8.13
N ARG A 64 -39.70 1.31 -7.23
CA ARG A 64 -39.41 1.04 -5.83
C ARG A 64 -40.30 -0.05 -5.30
N ASP A 65 -41.49 -0.21 -5.85
CA ASP A 65 -42.36 -1.26 -5.33
C ASP A 65 -42.00 -2.63 -5.89
N GLU A 66 -41.56 -2.70 -7.15
CA GLU A 66 -41.10 -3.97 -7.70
C GLU A 66 -39.86 -4.46 -6.98
N ILE A 67 -39.07 -3.53 -6.46
CA ILE A 67 -37.83 -3.90 -5.81
C ILE A 67 -38.07 -4.34 -4.38
N LYS A 68 -38.87 -3.57 -3.63
CA LYS A 68 -39.11 -3.91 -2.24
C LYS A 68 -39.96 -5.17 -2.09
N THR A 69 -40.87 -5.43 -3.03
CA THR A 69 -41.81 -6.53 -2.89
C THR A 69 -41.52 -7.75 -3.77
N ILE A 70 -40.66 -7.63 -4.78
CA ILE A 70 -40.42 -8.78 -5.65
C ILE A 70 -38.94 -9.13 -5.68
N ILE A 71 -38.09 -8.15 -6.03
CA ILE A 71 -36.68 -8.46 -6.22
C ILE A 71 -35.97 -8.66 -4.88
N GLU A 72 -36.11 -7.72 -3.95
CA GLU A 72 -35.41 -7.84 -2.68
C GLU A 72 -35.78 -9.10 -1.92
N PRO A 73 -37.06 -9.38 -1.67
CA PRO A 73 -37.38 -10.60 -0.89
C PRO A 73 -36.97 -11.90 -1.57
N ILE A 74 -36.93 -11.95 -2.89
CA ILE A 74 -36.64 -13.21 -3.58
C ILE A 74 -35.17 -13.34 -3.90
N LEU A 75 -34.60 -12.36 -4.60
CA LEU A 75 -33.20 -12.46 -5.00
C LEU A 75 -32.23 -11.99 -3.94
N GLY A 76 -32.65 -11.11 -3.03
CA GLY A 76 -31.83 -10.80 -1.87
C GLY A 76 -31.43 -12.05 -1.09
N ARG A 77 -32.42 -12.73 -0.51
CA ARG A 77 -32.19 -13.99 0.20
C ARG A 77 -31.41 -15.00 -0.64
N ALA A 78 -31.84 -15.22 -1.91
CA ALA A 78 -31.29 -16.31 -2.70
C ALA A 78 -29.84 -16.06 -3.08
N THR A 79 -29.47 -14.81 -3.36
CA THR A 79 -28.09 -14.56 -3.75
C THR A 79 -27.16 -14.62 -2.56
N ARG A 80 -27.65 -14.21 -1.39
CA ARG A 80 -26.87 -14.35 -0.16
C ARG A 80 -26.64 -15.83 0.15
N ASP A 81 -27.71 -16.64 0.06
CA ASP A 81 -27.54 -18.07 0.27
C ASP A 81 -26.58 -18.66 -0.75
N LEU A 82 -26.68 -18.23 -2.01
CA LEU A 82 -25.76 -18.78 -3.00
C LEU A 82 -24.33 -18.35 -2.72
N ALA A 83 -24.15 -17.11 -2.25
CA ALA A 83 -22.82 -16.65 -1.90
C ALA A 83 -22.28 -17.43 -0.70
N ALA A 84 -23.07 -17.53 0.37
CA ALA A 84 -22.71 -18.34 1.53
C ALA A 84 -22.28 -19.72 1.09
N GLU A 85 -23.21 -20.47 0.51
CA GLU A 85 -22.94 -21.86 0.21
C GLU A 85 -21.74 -22.00 -0.72
N HIS A 86 -21.65 -21.14 -1.71
CA HIS A 86 -20.53 -21.26 -2.63
C HIS A 86 -19.20 -20.86 -1.99
N THR A 87 -19.21 -20.01 -0.95
CA THR A 87 -17.98 -19.83 -0.17
C THR A 87 -17.49 -21.18 0.32
N LYS A 88 -18.38 -21.97 0.90
CA LYS A 88 -18.02 -23.29 1.41
C LYS A 88 -17.39 -24.16 0.33
N VAL A 89 -17.97 -24.18 -0.86
CA VAL A 89 -17.50 -25.19 -1.81
C VAL A 89 -16.15 -24.76 -2.38
N GLU A 90 -15.94 -23.44 -2.56
CA GLU A 90 -14.62 -22.98 -2.98
C GLU A 90 -13.55 -23.38 -1.97
N PHE A 91 -13.88 -23.24 -0.68
CA PHE A 91 -12.90 -23.59 0.35
C PHE A 91 -12.51 -25.06 0.27
N LYS A 92 -13.51 -25.95 0.19
CA LYS A 92 -13.24 -27.37 0.07
C LYS A 92 -12.49 -27.69 -1.21
N SER A 93 -12.72 -26.95 -2.28
CA SER A 93 -12.07 -27.28 -3.53
C SER A 93 -10.56 -27.00 -3.47
N SER A 94 -10.17 -25.90 -2.85
CA SER A 94 -8.76 -25.52 -2.77
C SER A 94 -8.55 -24.56 -1.60
N PRO A 95 -8.38 -25.07 -0.38
CA PRO A 95 -8.57 -24.21 0.81
C PRO A 95 -7.47 -23.20 1.07
N HIS A 96 -6.20 -23.47 0.73
CA HIS A 96 -5.15 -22.50 1.04
C HIS A 96 -5.27 -21.20 0.23
N ASP A 97 -5.97 -21.23 -0.90
CA ASP A 97 -6.22 -20.04 -1.69
C ASP A 97 -7.35 -19.19 -1.14
N THR A 98 -8.09 -19.69 -0.15
CA THR A 98 -9.23 -18.83 0.08
C THR A 98 -8.90 -17.76 1.14
N PRO A 99 -9.58 -16.62 1.10
CA PRO A 99 -9.47 -15.64 2.20
C PRO A 99 -9.72 -16.23 3.57
N LEU A 100 -10.71 -17.13 3.66
CA LEU A 100 -11.10 -17.72 4.94
C LEU A 100 -9.93 -18.49 5.55
N PHE A 101 -9.19 -19.23 4.73
CA PHE A 101 -7.98 -19.86 5.21
C PHE A 101 -7.03 -18.84 5.83
N SER A 102 -6.49 -17.93 5.00
CA SER A 102 -5.45 -17.03 5.51
C SER A 102 -5.95 -16.13 6.62
N SER A 103 -7.23 -15.78 6.64
CA SER A 103 -7.75 -15.09 7.82
C SER A 103 -7.73 -16.01 9.02
N LEU A 104 -8.37 -17.18 8.92
CA LEU A 104 -8.42 -18.05 10.09
C LEU A 104 -7.02 -18.46 10.49
N HIS A 105 -6.15 -18.70 9.50
CA HIS A 105 -4.79 -19.14 9.81
C HIS A 105 -4.03 -18.07 10.57
N TYR A 106 -4.19 -16.80 10.20
CA TYR A 106 -3.56 -15.73 10.94
C TYR A 106 -3.97 -15.74 12.41
N ALA A 107 -5.23 -16.12 12.68
CA ALA A 107 -5.68 -16.22 14.07
C ALA A 107 -5.12 -17.47 14.75
N VAL A 108 -5.15 -18.60 14.05
CA VAL A 108 -4.60 -19.84 14.60
C VAL A 108 -3.12 -19.69 14.89
N GLU A 109 -2.41 -18.96 14.04
CA GLU A 109 -0.99 -18.74 14.27
C GLU A 109 -0.77 -17.81 15.45
N PHE A 110 -1.75 -16.95 15.78
CA PHE A 110 -1.58 -16.07 16.93
C PHE A 110 -1.94 -16.78 18.22
N GLY A 111 -3.02 -17.57 18.20
CA GLY A 111 -3.38 -18.34 19.37
C GLY A 111 -2.32 -19.36 19.76
N PHE A 112 -1.74 -20.04 18.76
CA PHE A 112 -0.71 -21.02 19.07
C PHE A 112 0.54 -20.34 19.62
N LYS A 113 0.88 -19.15 19.12
CA LYS A 113 2.00 -18.42 19.71
C LYS A 113 1.75 -18.13 21.20
N ARG A 114 0.53 -17.69 21.53
CA ARG A 114 0.22 -17.44 22.94
C ARG A 114 0.18 -18.73 23.75
N SER A 115 -0.40 -19.80 23.20
CA SER A 115 -0.52 -21.03 23.95
C SER A 115 0.81 -21.78 24.04
N LEU A 116 1.68 -21.61 23.03
CA LEU A 116 2.98 -22.26 23.08
C LEU A 116 3.83 -21.71 24.22
N GLN A 117 3.89 -20.39 24.35
CA GLN A 117 4.70 -19.82 25.42
C GLN A 117 4.07 -20.07 26.78
N ILE A 118 2.73 -20.09 26.85
CA ILE A 118 2.08 -20.51 28.08
C ILE A 118 2.51 -21.91 28.47
N ASN A 119 2.76 -22.78 27.49
CA ASN A 119 3.22 -24.14 27.71
C ASN A 119 4.74 -24.23 27.83
N GLU A 120 5.42 -23.11 28.05
CA GLU A 120 6.87 -23.06 28.25
C GLU A 120 7.59 -23.86 27.16
N SER A 121 7.41 -23.40 25.92
CA SER A 121 8.04 -24.01 24.75
C SER A 121 8.79 -22.95 23.97
N GLU A 122 9.98 -23.32 23.47
CA GLU A 122 10.83 -22.45 22.66
C GLU A 122 10.24 -22.13 21.30
N LEU A 123 9.11 -22.77 20.96
CA LEU A 123 8.50 -22.63 19.63
C LEU A 123 7.82 -21.29 19.42
N THR A 124 7.27 -20.70 20.50
CA THR A 124 6.76 -19.33 20.49
C THR A 124 7.70 -18.36 19.81
N LEU A 125 9.01 -18.52 20.01
CA LEU A 125 9.96 -17.59 19.40
C LEU A 125 10.03 -17.74 17.88
N LEU A 126 9.27 -18.66 17.30
CA LEU A 126 9.24 -18.79 15.85
C LEU A 126 8.07 -18.08 15.21
N ILE A 127 7.11 -17.58 15.99
CA ILE A 127 5.94 -16.91 15.45
C ILE A 127 6.07 -15.41 15.67
N ASP A 128 6.13 -14.67 14.56
CA ASP A 128 6.01 -13.22 14.52
C ASP A 128 4.55 -12.87 14.19
N ASN A 129 3.74 -12.59 15.21
CA ASN A 129 2.32 -12.37 14.97
C ASN A 129 1.73 -11.63 16.15
N ASP A 130 1.12 -10.47 15.90
CA ASP A 130 0.57 -9.62 16.95
C ASP A 130 -0.94 -9.50 16.86
N PHE A 131 -1.57 -10.27 15.98
CA PHE A 131 -3.01 -10.24 15.81
C PHE A 131 -3.54 -8.84 15.53
N SER A 132 -2.70 -7.94 15.01
CA SER A 132 -3.12 -6.58 14.74
C SER A 132 -3.09 -6.21 13.26
N ASN A 133 -2.51 -7.06 12.40
CA ASN A 133 -2.45 -6.78 10.97
C ASN A 133 -3.82 -6.37 10.44
N PRO A 134 -3.94 -5.21 9.79
CA PRO A 134 -5.26 -4.77 9.31
C PRO A 134 -5.86 -5.65 8.21
N ASP A 135 -5.04 -6.38 7.45
CA ASP A 135 -5.58 -7.30 6.44
C ASP A 135 -6.50 -8.35 7.07
N TYR A 136 -6.30 -8.66 8.35
CA TYR A 136 -7.03 -9.75 8.97
C TYR A 136 -7.92 -9.33 10.11
N THR A 137 -7.70 -8.13 10.66
CA THR A 137 -8.37 -7.72 11.89
C THR A 137 -9.89 -7.93 11.81
N GLU A 138 -10.52 -7.53 10.70
CA GLU A 138 -11.97 -7.49 10.53
C GLU A 138 -12.53 -8.64 9.72
N ALA A 139 -11.78 -9.74 9.60
CA ALA A 139 -12.27 -10.87 8.83
C ALA A 139 -13.59 -11.32 9.43
N GLU A 140 -14.55 -11.64 8.56
CA GLU A 140 -15.90 -12.01 9.03
C GLU A 140 -15.88 -13.28 9.87
N ILE A 141 -15.02 -14.25 9.54
CA ILE A 141 -14.93 -15.49 10.32
C ILE A 141 -14.66 -15.24 11.80
N TYR A 142 -14.02 -14.12 12.14
CA TYR A 142 -13.84 -13.86 13.57
C TYR A 142 -15.14 -13.44 14.25
N LYS A 143 -16.18 -13.09 13.50
CA LYS A 143 -17.41 -12.65 14.16
C LYS A 143 -18.42 -13.75 14.29
N VAL A 144 -18.22 -14.86 13.58
CA VAL A 144 -19.02 -16.08 13.78
C VAL A 144 -19.19 -16.34 15.26
N SER A 145 -20.44 -16.49 15.69
CA SER A 145 -20.73 -16.60 17.10
C SER A 145 -20.02 -17.82 17.71
N GLY A 146 -19.41 -17.62 18.88
CA GLY A 146 -18.74 -18.68 19.59
C GLY A 146 -17.50 -19.26 18.93
N LEU A 147 -17.16 -18.84 17.71
CA LEU A 147 -16.15 -19.57 16.97
C LEU A 147 -14.76 -19.42 17.59
N LEU A 148 -14.38 -18.18 17.88
CA LEU A 148 -13.05 -17.93 18.42
C LEU A 148 -12.88 -18.55 19.80
N ASP A 149 -13.94 -18.60 20.61
CA ASP A 149 -13.85 -19.30 21.89
C ASP A 149 -13.52 -20.77 21.66
N ALA A 150 -14.29 -21.43 20.78
CA ALA A 150 -13.95 -22.81 20.43
C ALA A 150 -12.55 -22.90 19.84
N LEU A 151 -12.07 -21.82 19.22
CA LEU A 151 -10.71 -21.84 18.69
C LEU A 151 -9.69 -21.85 19.85
N GLN A 152 -9.89 -20.99 20.85
CA GLN A 152 -9.02 -21.03 22.01
C GLN A 152 -8.99 -22.43 22.62
N GLU A 153 -10.15 -22.99 22.93
CA GLU A 153 -10.22 -24.35 23.44
C GLU A 153 -9.41 -25.31 22.56
N TYR A 154 -9.62 -25.22 21.25
CA TYR A 154 -8.96 -26.13 20.33
C TYR A 154 -7.44 -25.95 20.40
N ILE A 155 -6.97 -24.70 20.50
CA ILE A 155 -5.53 -24.46 20.51
C ILE A 155 -4.91 -24.99 21.80
N LEU A 156 -5.61 -24.82 22.92
CA LEU A 156 -5.08 -25.29 24.19
C LEU A 156 -4.93 -26.80 24.18
N THR A 157 -6.05 -27.52 24.06
CA THR A 157 -5.98 -28.97 24.13
C THR A 157 -5.25 -29.60 22.96
N ARG A 158 -4.87 -28.85 21.93
CA ARG A 158 -4.06 -29.42 20.86
C ARG A 158 -2.59 -29.08 20.93
N THR A 159 -2.18 -28.11 21.75
CA THR A 159 -0.79 -27.66 21.72
C THR A 159 0.22 -28.74 22.09
N PRO A 160 0.01 -29.56 23.14
CA PRO A 160 0.97 -30.66 23.42
C PRO A 160 1.22 -31.56 22.21
N SER A 161 0.18 -31.95 21.47
CA SER A 161 0.41 -32.75 20.27
C SER A 161 1.17 -31.98 19.20
N VAL A 162 0.84 -30.69 19.01
CA VAL A 162 1.56 -29.88 18.04
C VAL A 162 3.05 -29.88 18.35
N ILE A 163 3.42 -29.58 19.60
CA ILE A 163 4.84 -29.59 19.96
C ILE A 163 5.44 -30.95 19.65
N GLU A 164 4.78 -32.01 20.11
CA GLU A 164 5.13 -33.38 19.74
C GLU A 164 5.42 -33.49 18.25
N GLU A 165 4.44 -33.07 17.43
CA GLU A 165 4.58 -33.20 15.99
C GLU A 165 5.74 -32.35 15.46
N PHE A 166 5.97 -31.18 16.05
CA PHE A 166 7.11 -30.40 15.60
C PHE A 166 8.43 -31.10 15.92
N ASN A 167 8.59 -31.53 17.19
CA ASN A 167 9.76 -32.33 17.58
C ASN A 167 9.97 -33.50 16.64
N ARG A 168 8.92 -34.29 16.42
CA ARG A 168 9.05 -35.42 15.50
C ARG A 168 9.59 -34.96 14.15
N GLN A 169 8.94 -33.95 13.56
CA GLN A 169 9.29 -33.55 12.20
C GLN A 169 10.68 -32.95 12.14
N TRP A 170 11.04 -32.15 13.15
CA TRP A 170 12.36 -31.56 13.19
C TRP A 170 13.46 -32.62 13.19
N GLU A 171 13.30 -33.66 14.01
CA GLU A 171 14.36 -34.66 14.11
C GLU A 171 14.52 -35.47 12.83
N ASN A 172 13.42 -35.71 12.12
CA ASN A 172 13.56 -36.35 10.81
C ASN A 172 14.30 -35.44 9.83
N LYS A 173 14.24 -34.12 10.03
CA LYS A 173 14.75 -33.19 9.02
C LYS A 173 16.26 -32.98 9.14
N LYS A 174 16.83 -33.13 10.35
CA LYS A 174 18.26 -32.93 10.58
C LYS A 174 19.10 -33.58 9.49
N GLN A 175 20.20 -32.91 9.15
CA GLN A 175 21.11 -33.37 8.09
C GLN A 175 22.51 -32.77 8.29
N SER A 181 26.79 -28.23 8.05
CA SER A 181 26.70 -26.78 7.81
C SER A 181 26.20 -26.07 9.07
N LEU A 182 24.90 -26.21 9.33
CA LEU A 182 24.27 -25.74 10.57
C LEU A 182 24.48 -24.25 10.79
N THR A 183 23.74 -23.41 10.05
CA THR A 183 23.94 -21.96 10.07
C THR A 183 23.46 -21.30 11.36
N GLU A 184 22.67 -22.00 12.17
CA GLU A 184 22.11 -21.50 13.43
C GLU A 184 21.15 -20.34 13.20
N LYS A 185 21.07 -19.85 11.97
CA LYS A 185 19.96 -19.03 11.49
C LYS A 185 19.29 -19.62 10.27
N GLU A 186 20.01 -20.41 9.45
CA GLU A 186 19.34 -21.24 8.46
C GLU A 186 18.71 -22.48 9.09
N ILE A 187 18.99 -22.75 10.37
CA ILE A 187 18.31 -23.86 11.06
C ILE A 187 17.09 -23.39 11.85
N GLN A 188 16.87 -22.08 11.97
CA GLN A 188 15.59 -21.58 12.48
C GLN A 188 14.63 -21.18 11.37
N VAL A 189 15.15 -20.91 10.18
CA VAL A 189 14.38 -21.09 8.94
C VAL A 189 13.54 -22.35 9.03
N HIS A 190 14.20 -23.49 9.25
CA HIS A 190 13.55 -24.78 9.07
C HIS A 190 12.53 -25.05 10.19
N GLN A 191 12.89 -24.72 11.43
CA GLN A 191 11.90 -24.75 12.50
C GLN A 191 10.66 -23.97 12.12
N ALA A 192 10.87 -22.78 11.54
CA ALA A 192 9.75 -21.90 11.23
C ALA A 192 8.87 -22.50 10.15
N THR A 193 9.48 -22.96 9.06
CA THR A 193 8.74 -23.55 7.96
C THR A 193 7.97 -24.80 8.39
N ILE A 194 8.65 -25.73 9.06
CA ILE A 194 8.03 -26.97 9.54
C ILE A 194 6.86 -26.66 10.44
N LEU A 195 7.05 -25.74 11.39
CA LEU A 195 5.95 -25.30 12.26
C LEU A 195 4.84 -24.61 11.46
N ASP A 196 5.19 -23.86 10.42
CA ASP A 196 4.14 -23.20 9.66
C ASP A 196 3.26 -24.23 8.95
N ASN A 197 3.87 -25.24 8.33
CA ASN A 197 3.06 -26.28 7.68
C ASN A 197 2.15 -26.98 8.67
N ILE A 198 2.65 -27.27 9.87
CA ILE A 198 1.84 -27.90 10.90
C ILE A 198 0.62 -27.04 11.24
N LEU A 199 0.85 -25.76 11.55
CA LEU A 199 -0.24 -24.88 11.92
C LEU A 199 -1.22 -24.67 10.74
N ARG A 200 -0.71 -24.66 9.51
CA ARG A 200 -1.62 -24.57 8.38
CA ARG A 200 -1.59 -24.60 8.34
C ARG A 200 -2.55 -25.78 8.32
N LYS A 201 -2.07 -26.95 8.77
CA LYS A 201 -2.93 -28.13 8.85
C LYS A 201 -3.86 -28.05 10.06
N GLU A 202 -3.39 -27.46 11.17
CA GLU A 202 -4.31 -27.18 12.26
C GLU A 202 -5.47 -26.31 11.80
N THR A 203 -5.19 -25.31 10.95
CA THR A 203 -6.21 -24.38 10.53
C THR A 203 -7.34 -25.11 9.81
N ILE A 204 -6.98 -25.93 8.82
CA ILE A 204 -7.98 -26.65 8.04
C ILE A 204 -8.71 -27.70 8.89
N ASP A 205 -7.97 -28.47 9.71
CA ASP A 205 -8.61 -29.49 10.53
C ASP A 205 -9.67 -28.87 11.43
N PHE A 206 -9.36 -27.71 12.01
CA PHE A 206 -10.33 -27.06 12.87
C PHE A 206 -11.64 -26.81 12.12
N LEU A 207 -11.55 -26.41 10.85
CA LEU A 207 -12.76 -26.15 10.09
C LEU A 207 -13.45 -27.43 9.65
N LEU A 208 -12.70 -28.49 9.38
CA LEU A 208 -13.29 -29.71 8.84
C LEU A 208 -13.72 -30.72 9.92
N ALA A 209 -13.36 -30.50 11.18
CA ALA A 209 -13.83 -31.35 12.27
C ALA A 209 -15.35 -31.56 12.25
N GLU A 210 -15.78 -32.78 12.58
CA GLU A 210 -17.18 -33.12 12.82
C GLU A 210 -18.05 -32.79 11.61
N ASN A 211 -17.65 -33.33 10.46
CA ASN A 211 -18.31 -33.10 9.18
C ASN A 211 -18.54 -31.61 8.97
N GLU A 212 -17.46 -30.85 9.20
CA GLU A 212 -17.39 -29.43 8.82
C GLU A 212 -18.29 -28.57 9.70
N LYS A 213 -18.22 -28.81 11.01
CA LYS A 213 -19.10 -28.10 11.93
C LYS A 213 -18.83 -26.60 11.91
N HIS A 214 -17.56 -26.23 12.13
CA HIS A 214 -17.20 -24.83 12.12
C HIS A 214 -17.27 -24.25 10.71
N LEU A 215 -16.99 -25.06 9.69
CA LEU A 215 -17.13 -24.55 8.34
C LEU A 215 -18.59 -24.23 8.02
N ASP A 216 -19.52 -25.12 8.40
CA ASP A 216 -20.94 -24.84 8.24
C ASP A 216 -21.37 -23.69 9.14
N GLU A 217 -20.76 -23.59 10.32
CA GLU A 217 -21.00 -22.46 11.20
C GLU A 217 -20.73 -21.13 10.51
N TYR A 218 -19.65 -21.07 9.72
CA TYR A 218 -19.34 -19.87 8.94
C TYR A 218 -20.37 -19.65 7.85
N ARG A 219 -20.76 -20.75 7.17
CA ARG A 219 -21.79 -20.63 6.15
C ARG A 219 -23.03 -19.97 6.71
N GLU A 220 -23.51 -20.47 7.85
CA GLU A 220 -24.71 -19.93 8.45
C GLU A 220 -24.53 -18.48 8.82
N HIS A 221 -23.35 -18.12 9.32
CA HIS A 221 -23.09 -16.73 9.66
C HIS A 221 -23.26 -15.82 8.43
N LEU A 222 -22.70 -16.22 7.30
CA LEU A 222 -22.83 -15.43 6.09
C LEU A 222 -24.26 -15.46 5.52
N ARG A 223 -25.08 -16.41 5.94
CA ARG A 223 -26.50 -16.37 5.56
C ARG A 223 -27.29 -15.43 6.46
N ARG A 224 -26.72 -15.00 7.58
CA ARG A 224 -27.32 -13.98 8.43
C ARG A 224 -27.41 -12.65 7.68
N GLU A 225 -28.46 -11.88 7.98
CA GLU A 225 -28.72 -10.63 7.25
C GLU A 225 -27.96 -9.44 7.79
N PHE A 226 -27.44 -9.53 9.02
CA PHE A 226 -26.62 -8.44 9.53
C PHE A 226 -25.23 -8.45 8.92
N VAL A 227 -24.81 -9.54 8.32
CA VAL A 227 -23.46 -9.64 7.78
C VAL A 227 -23.43 -8.94 6.43
N TRP A 228 -22.64 -7.87 6.35
CA TRP A 228 -22.48 -7.16 5.09
C TRP A 228 -21.76 -8.06 4.09
N GLY A 229 -22.31 -8.17 2.90
CA GLY A 229 -21.56 -8.74 1.81
C GLY A 229 -20.36 -7.86 1.46
N SER A 230 -19.19 -8.44 1.47
CA SER A 230 -17.98 -7.79 1.02
C SER A 230 -17.83 -7.85 -0.50
N GLU A 231 -16.83 -7.13 -0.98
CA GLU A 231 -16.36 -7.33 -2.35
C GLU A 231 -15.88 -8.76 -2.53
N GLU A 232 -15.24 -9.34 -1.50
CA GLU A 232 -14.87 -10.76 -1.53
C GLU A 232 -16.07 -11.63 -1.87
N THR A 233 -17.15 -11.51 -1.09
CA THR A 233 -18.26 -12.41 -1.32
C THR A 233 -18.90 -12.13 -2.67
N LEU A 234 -18.86 -10.87 -3.14
CA LEU A 234 -19.38 -10.55 -4.46
C LEU A 234 -18.75 -11.44 -5.52
N MET A 235 -17.43 -11.59 -5.47
CA MET A 235 -16.71 -12.37 -6.46
C MET A 235 -17.03 -13.85 -6.40
N VAL A 236 -17.30 -14.38 -5.20
CA VAL A 236 -17.77 -15.75 -5.09
C VAL A 236 -19.13 -15.86 -5.76
N LEU A 237 -20.03 -14.96 -5.38
CA LEU A 237 -21.37 -14.93 -5.94
C LEU A 237 -21.34 -14.93 -7.47
N HIS A 238 -20.51 -14.07 -8.05
CA HIS A 238 -20.55 -13.91 -9.50
C HIS A 238 -19.93 -15.10 -10.20
N ARG A 239 -18.95 -15.75 -9.57
CA ARG A 239 -18.44 -17.03 -10.07
C ARG A 239 -19.49 -18.11 -9.93
N ALA A 240 -20.23 -18.12 -8.82
CA ALA A 240 -21.33 -19.06 -8.70
C ALA A 240 -22.41 -18.80 -9.74
N ILE A 241 -22.77 -17.53 -9.95
CA ILE A 241 -23.80 -17.22 -10.94
C ILE A 241 -23.34 -17.64 -12.34
N GLN A 242 -22.11 -17.29 -12.71
CA GLN A 242 -21.59 -17.74 -14.00
C GLN A 242 -21.33 -19.24 -14.01
N GLY A 243 -21.39 -19.88 -12.84
CA GLY A 243 -21.16 -21.31 -12.72
C GLY A 243 -19.75 -21.74 -13.05
N GLU A 244 -18.76 -20.88 -12.78
CA GLU A 244 -17.37 -21.21 -13.09
C GLU A 244 -16.94 -22.47 -12.33
N ARG A 245 -16.26 -23.38 -13.04
CA ARG A 245 -15.90 -24.66 -12.47
C ARG A 245 -14.50 -25.07 -12.95
N MET A 246 -14.00 -26.15 -12.36
CA MET A 246 -12.83 -26.87 -12.87
C MET A 246 -13.17 -28.35 -12.79
N VAL A 247 -13.25 -29.01 -13.95
CA VAL A 247 -13.73 -30.38 -14.03
C VAL A 247 -12.72 -31.24 -14.80
N ARG A 248 -12.69 -32.53 -14.45
CA ARG A 248 -11.80 -33.45 -15.14
C ARG A 248 -12.32 -33.74 -16.55
N ASN A 249 -11.40 -34.17 -17.41
CA ASN A 249 -11.76 -34.56 -18.77
C ASN A 249 -11.13 -35.89 -19.18
N GLU A 255 -10.28 -29.52 -16.54
CA GLU A 255 -10.41 -28.34 -17.39
C GLU A 255 -11.45 -27.33 -16.87
N PRO A 256 -11.13 -26.04 -16.93
CA PRO A 256 -12.03 -25.01 -16.39
C PRO A 256 -13.17 -24.72 -17.35
N VAL A 257 -14.40 -24.82 -16.86
CA VAL A 257 -15.61 -24.67 -17.65
C VAL A 257 -16.49 -23.61 -17.01
N TYR A 258 -17.21 -22.85 -17.86
CA TYR A 258 -18.16 -21.81 -17.45
C TYR A 258 -19.55 -22.14 -17.98
N ASP A 259 -20.57 -21.60 -17.32
CA ASP A 259 -21.93 -21.73 -17.85
C ASP A 259 -22.39 -20.46 -18.58
N HIS A 260 -22.10 -19.30 -18.00
CA HIS A 260 -22.26 -18.02 -18.67
C HIS A 260 -21.00 -17.20 -18.48
N GLU A 261 -20.74 -16.32 -19.42
CA GLU A 261 -19.83 -15.21 -19.22
C GLU A 261 -20.69 -13.97 -19.07
N ILE A 262 -20.56 -13.31 -17.92
CA ILE A 262 -21.30 -12.10 -17.59
C ILE A 262 -20.25 -11.09 -17.14
N ILE A 263 -19.88 -10.19 -18.04
CA ILE A 263 -18.91 -9.14 -17.70
C ILE A 263 -19.51 -8.25 -16.62
N LEU A 264 -18.85 -8.20 -15.48
CA LEU A 264 -19.28 -7.36 -14.36
C LEU A 264 -18.26 -6.24 -14.16
N HIS A 265 -18.75 -5.05 -13.87
CA HIS A 265 -17.85 -3.95 -13.53
C HIS A 265 -18.27 -3.41 -12.19
N VAL A 266 -17.28 -3.14 -11.35
CA VAL A 266 -17.49 -2.41 -10.12
C VAL A 266 -17.01 -0.98 -10.34
N HIS A 267 -17.80 -0.04 -9.84
CA HIS A 267 -17.44 1.36 -9.77
C HIS A 267 -17.24 1.70 -8.29
N ARG A 268 -16.36 2.67 -8.03
CA ARG A 268 -16.01 3.02 -6.66
C ARG A 268 -16.08 4.53 -6.48
N ASN A 269 -17.07 4.98 -5.71
CA ASN A 269 -17.36 6.39 -5.47
C ASN A 269 -17.62 7.13 -6.79
N GLY A 270 -18.25 6.44 -7.74
CA GLY A 270 -18.60 6.98 -9.02
C GLY A 270 -17.60 6.70 -10.14
N ALA A 271 -16.35 6.39 -9.79
CA ALA A 271 -15.33 6.13 -10.81
C ALA A 271 -15.76 4.99 -11.73
N SER A 272 -15.11 4.85 -12.87
CA SER A 272 -15.35 3.72 -13.76
C SER A 272 -14.05 3.10 -14.24
N PRO A 273 -14.06 1.81 -14.62
CA PRO A 273 -12.80 1.21 -15.06
C PRO A 273 -12.40 1.69 -16.45
N GLY A 278 -13.75 -5.24 -22.58
CA GLY A 278 -15.10 -5.46 -23.08
C GLY A 278 -16.19 -4.68 -22.35
N SER A 279 -17.40 -4.64 -22.95
CA SER A 279 -18.54 -3.85 -22.46
C SER A 279 -19.29 -4.61 -21.37
N PRO A 280 -19.70 -3.92 -20.32
CA PRO A 280 -20.21 -4.62 -19.12
C PRO A 280 -21.70 -4.82 -19.11
N GLU A 281 -22.15 -6.00 -18.69
CA GLU A 281 -23.55 -6.31 -18.62
C GLU A 281 -24.15 -6.14 -17.22
N MET A 282 -23.30 -6.07 -16.18
CA MET A 282 -23.77 -5.72 -14.85
C MET A 282 -22.80 -4.70 -14.24
N ILE A 283 -23.35 -3.68 -13.60
CA ILE A 283 -22.59 -2.56 -13.04
C ILE A 283 -23.02 -2.31 -11.60
N LEU A 284 -22.07 -2.38 -10.67
CA LEU A 284 -22.34 -1.90 -9.34
C LEU A 284 -21.39 -0.79 -8.97
N ASN A 285 -21.88 0.15 -8.17
CA ASN A 285 -21.03 1.16 -7.57
C ASN A 285 -20.80 0.79 -6.12
N ASN A 286 -19.53 0.83 -5.71
CA ASN A 286 -19.10 0.48 -4.35
C ASN A 286 -18.65 1.77 -3.66
N GLU A 287 -19.47 2.26 -2.73
CA GLU A 287 -19.22 3.54 -2.03
C GLU A 287 -18.46 3.26 -0.75
N GLY A 288 -17.13 3.32 -0.84
CA GLY A 288 -16.22 3.11 0.28
C GLY A 288 -16.57 1.94 1.18
N ASN A 289 -17.11 0.85 0.59
CA ASN A 289 -17.51 -0.38 1.29
C ASN A 289 -18.59 -0.15 2.36
N VAL A 290 -19.54 0.74 2.07
CA VAL A 290 -20.64 1.03 2.99
C VAL A 290 -21.99 0.99 2.29
N HIS A 291 -22.00 1.39 1.02
CA HIS A 291 -23.23 1.60 0.27
C HIS A 291 -23.02 0.96 -1.10
N TRP A 292 -23.79 -0.07 -1.39
CA TRP A 292 -23.80 -0.64 -2.72
C TRP A 292 -25.05 -0.21 -3.46
N THR A 293 -24.87 0.15 -4.72
CA THR A 293 -25.94 0.58 -5.60
C THR A 293 -25.70 -0.06 -6.95
N SER A 294 -26.75 -0.46 -7.65
CA SER A 294 -26.50 -0.90 -9.01
C SER A 294 -26.84 0.22 -9.98
N ILE A 295 -26.28 0.09 -11.17
CA ILE A 295 -26.31 1.12 -12.18
C ILE A 295 -26.61 0.44 -13.51
N ILE A 296 -27.65 0.88 -14.18
CA ILE A 296 -28.08 0.26 -15.43
C ILE A 296 -27.10 0.66 -16.55
N PRO A 297 -26.57 -0.30 -17.32
CA PRO A 297 -25.73 0.07 -18.47
C PRO A 297 -26.54 0.79 -19.55
N CYS B 11 17.95 0.98 -6.64
CA CYS B 11 17.07 0.57 -7.73
C CYS B 11 15.65 1.19 -7.55
N LEU B 12 15.56 2.43 -7.09
CA LEU B 12 14.31 2.87 -6.45
C LEU B 12 13.23 3.33 -7.44
N TYR B 13 13.56 4.21 -8.40
CA TYR B 13 12.52 4.70 -9.33
C TYR B 13 11.90 3.54 -10.11
N TYR B 14 12.73 2.59 -10.55
CA TYR B 14 12.23 1.39 -11.19
C TYR B 14 11.24 0.69 -10.27
N ALA B 15 11.65 0.42 -9.03
CA ALA B 15 10.78 -0.31 -8.12
C ALA B 15 9.54 0.51 -7.75
N TYR B 16 9.71 1.82 -7.54
CA TYR B 16 8.54 2.68 -7.32
C TYR B 16 7.57 2.60 -8.47
N SER B 17 8.09 2.67 -9.70
CA SER B 17 7.27 2.61 -10.91
C SER B 17 6.49 1.31 -10.99
N ILE B 18 7.17 0.19 -10.73
CA ILE B 18 6.48 -1.09 -10.76
C ILE B 18 5.38 -1.11 -9.72
N SER B 19 5.72 -0.69 -8.50
CA SER B 19 4.75 -0.65 -7.43
C SER B 19 3.57 0.25 -7.79
N LEU B 20 3.83 1.33 -8.53
CA LEU B 20 2.77 2.26 -8.87
C LEU B 20 1.79 1.65 -9.87
N MET B 21 2.29 0.83 -10.80
CA MET B 21 1.45 0.13 -11.74
C MET B 21 0.66 -0.99 -11.09
N TYR B 22 1.22 -1.67 -10.10
CA TYR B 22 0.41 -2.65 -9.40
C TYR B 22 -0.73 -1.96 -8.69
N TYR B 23 -0.45 -0.86 -8.00
CA TYR B 23 -1.49 -0.07 -7.36
C TYR B 23 -2.51 0.43 -8.35
N LEU B 24 -2.04 0.91 -9.51
CA LEU B 24 -2.97 1.47 -10.50
C LEU B 24 -3.91 0.38 -10.98
N ARG B 25 -3.39 -0.59 -11.75
CA ARG B 25 -4.10 -1.81 -12.15
C ARG B 25 -5.03 -2.35 -11.07
N ALA B 26 -4.64 -2.26 -9.79
CA ALA B 26 -5.47 -2.80 -8.72
C ALA B 26 -6.71 -1.97 -8.45
N LYS B 27 -6.61 -0.64 -8.56
CA LYS B 27 -7.72 0.23 -8.19
C LYS B 27 -8.72 0.42 -9.32
N ASN B 28 -8.26 0.42 -10.57
CA ASN B 28 -9.13 0.42 -11.74
C ASN B 28 -10.05 1.65 -11.76
N ASN B 29 -9.40 2.82 -11.77
CA ASN B 29 -10.08 4.10 -11.93
C ASN B 29 -9.34 4.87 -13.01
N VAL B 30 -10.07 5.27 -14.04
CA VAL B 30 -9.44 6.01 -15.13
C VAL B 30 -8.88 7.31 -14.61
N LYS B 31 -9.57 7.95 -13.68
CA LYS B 31 -9.22 9.31 -13.27
C LYS B 31 -8.07 9.38 -12.30
N ILE B 32 -8.09 8.51 -11.30
CA ILE B 32 -6.91 8.33 -10.46
C ILE B 32 -5.70 8.08 -11.34
N THR B 33 -5.85 7.19 -12.31
CA THR B 33 -4.78 6.94 -13.28
C THR B 33 -4.43 8.20 -14.03
N GLU B 34 -5.43 8.91 -14.52
CA GLU B 34 -5.12 10.02 -15.39
C GLU B 34 -4.60 11.20 -14.60
N ASP B 35 -5.12 11.41 -13.38
CA ASP B 35 -4.54 12.42 -12.50
C ASP B 35 -3.05 12.19 -12.32
N ILE B 36 -2.66 10.95 -11.99
CA ILE B 36 -1.26 10.67 -11.67
C ILE B 36 -0.39 10.73 -12.91
N PHE B 37 -0.93 10.34 -14.08
CA PHE B 37 -0.18 10.59 -15.30
C PHE B 37 0.05 12.09 -15.48
N ASN B 38 -0.93 12.90 -15.08
CA ASN B 38 -0.79 14.35 -15.19
C ASN B 38 0.32 14.86 -14.29
N LYS B 39 0.35 14.38 -13.04
CA LYS B 39 1.42 14.77 -12.14
C LYS B 39 2.77 14.36 -12.71
N LEU B 40 2.82 13.22 -13.39
CA LEU B 40 4.06 12.78 -14.01
C LEU B 40 4.29 13.43 -15.36
N GLY B 41 3.35 14.26 -15.82
CA GLY B 41 3.46 14.96 -17.09
C GLY B 41 3.80 14.08 -18.28
N LEU B 42 3.10 12.94 -18.45
CA LEU B 42 3.40 12.04 -19.56
C LEU B 42 2.59 12.36 -20.81
N LYS B 43 3.26 12.28 -21.96
CA LYS B 43 2.60 12.42 -23.25
C LYS B 43 1.60 11.29 -23.49
N GLU B 44 0.50 11.61 -24.20
CA GLU B 44 -0.55 10.63 -24.41
C GLU B 44 -0.02 9.38 -25.11
N GLU B 45 1.00 9.53 -25.97
CA GLU B 45 1.68 8.38 -26.55
C GLU B 45 2.07 7.37 -25.49
N ASP B 46 2.79 7.83 -24.46
CA ASP B 46 3.26 6.92 -23.42
C ASP B 46 2.13 6.52 -22.47
N ARG B 47 1.22 7.44 -22.18
CA ARG B 47 0.07 7.06 -21.36
C ARG B 47 -0.67 5.85 -21.95
N ALA B 48 -0.66 5.71 -23.27
CA ALA B 48 -1.38 4.60 -23.90
C ALA B 48 -0.63 3.28 -23.73
N ARG B 49 0.70 3.31 -23.94
CA ARG B 49 1.52 2.10 -23.75
C ARG B 49 1.37 1.54 -22.35
N LEU B 50 1.21 2.42 -21.36
CA LEU B 50 0.95 1.94 -20.01
C LEU B 50 -0.48 1.43 -19.86
N ARG B 51 -1.46 2.14 -20.46
CA ARG B 51 -2.86 1.73 -20.34
C ARG B 51 -3.06 0.28 -20.72
N LYS B 52 -2.40 -0.16 -21.80
CA LYS B 52 -2.47 -1.57 -22.18
C LYS B 52 -2.09 -2.46 -21.00
N LEU B 53 -1.07 -2.05 -20.22
CA LEU B 53 -0.57 -2.90 -19.15
C LEU B 53 -1.55 -3.03 -17.99
N LEU B 54 -2.47 -2.07 -17.83
CA LEU B 54 -3.42 -2.14 -16.73
C LEU B 54 -4.65 -2.99 -17.07
N SER B 55 -4.53 -3.90 -18.04
CA SER B 55 -5.57 -4.87 -18.36
C SER B 55 -4.98 -6.28 -18.24
N LYS B 56 -5.85 -7.27 -18.41
CA LYS B 56 -5.47 -8.67 -18.29
C LYS B 56 -4.70 -8.91 -16.99
N ASP B 57 -5.08 -8.18 -15.94
CA ASP B 57 -4.51 -8.39 -14.61
C ASP B 57 -4.70 -9.80 -14.07
N PRO B 58 -5.85 -10.49 -14.28
CA PRO B 58 -5.95 -11.88 -13.81
C PRO B 58 -4.89 -12.79 -14.42
N ALA B 61 1.68 -11.17 -12.40
CA ALA B 61 2.54 -9.99 -12.35
C ALA B 61 2.79 -9.44 -13.75
N PHE B 62 3.73 -8.50 -13.89
CA PHE B 62 4.17 -7.99 -15.19
C PHE B 62 5.43 -8.73 -15.63
N THR B 63 5.56 -8.93 -16.93
CA THR B 63 6.73 -9.64 -17.44
C THR B 63 7.97 -8.76 -17.37
N ARG B 64 9.12 -9.42 -17.39
CA ARG B 64 10.37 -8.67 -17.57
C ARG B 64 10.35 -7.88 -18.87
N ASP B 65 9.61 -8.34 -19.86
CA ASP B 65 9.60 -7.56 -21.09
C ASP B 65 8.74 -6.30 -20.93
N GLU B 66 7.61 -6.40 -20.22
CA GLU B 66 6.82 -5.21 -19.95
C GLU B 66 7.60 -4.22 -19.11
N ILE B 67 8.42 -4.72 -18.19
CA ILE B 67 9.14 -3.84 -17.28
C ILE B 67 10.17 -3.03 -18.03
N LYS B 68 11.03 -3.71 -18.80
CA LYS B 68 12.20 -3.03 -19.33
C LYS B 68 11.96 -2.30 -20.64
N THR B 69 10.90 -2.64 -21.38
CA THR B 69 10.56 -1.87 -22.57
C THR B 69 9.40 -0.92 -22.37
N ILE B 70 8.60 -1.06 -21.30
CA ILE B 70 7.46 -0.19 -21.12
C ILE B 70 7.57 0.58 -19.81
N ILE B 71 7.64 -0.14 -18.69
CA ILE B 71 7.50 0.53 -17.39
C ILE B 71 8.77 1.30 -17.03
N GLU B 72 9.94 0.66 -17.12
CA GLU B 72 11.18 1.35 -16.80
C GLU B 72 11.41 2.56 -17.69
N PRO B 73 11.36 2.46 -19.03
CA PRO B 73 11.65 3.65 -19.84
C PRO B 73 10.70 4.80 -19.60
N ILE B 74 9.43 4.54 -19.27
CA ILE B 74 8.45 5.62 -19.18
C ILE B 74 8.35 6.14 -17.75
N LEU B 75 8.07 5.24 -16.80
CA LEU B 75 7.86 5.70 -15.43
C LEU B 75 9.17 5.89 -14.68
N GLY B 76 10.18 5.07 -14.94
CA GLY B 76 11.51 5.33 -14.40
C GLY B 76 11.95 6.77 -14.58
N ARG B 77 12.00 7.24 -15.84
CA ARG B 77 12.39 8.61 -16.15
C ARG B 77 11.44 9.65 -15.53
N ALA B 78 10.13 9.40 -15.58
CA ALA B 78 9.16 10.40 -15.12
C ALA B 78 9.13 10.52 -13.60
N THR B 79 9.35 9.44 -12.88
CA THR B 79 9.30 9.55 -11.43
C THR B 79 10.55 10.20 -10.88
N ARG B 80 11.71 9.89 -11.49
CA ARG B 80 12.94 10.60 -11.16
C ARG B 80 12.77 12.10 -11.40
N ASP B 81 12.30 12.48 -12.59
CA ASP B 81 12.04 13.89 -12.88
C ASP B 81 11.09 14.49 -11.85
N LEU B 82 10.00 13.79 -11.54
CA LEU B 82 9.06 14.31 -10.56
C LEU B 82 9.71 14.43 -9.18
N ALA B 83 10.44 13.39 -8.75
CA ALA B 83 11.15 13.47 -7.48
C ALA B 83 12.05 14.70 -7.44
N ALA B 84 12.76 14.96 -8.54
CA ALA B 84 13.75 16.04 -8.59
C ALA B 84 13.06 17.39 -8.50
N GLU B 85 12.15 17.67 -9.42
CA GLU B 85 11.48 18.96 -9.40
C GLU B 85 10.81 19.18 -8.06
N HIS B 86 10.25 18.13 -7.48
CA HIS B 86 9.55 18.33 -6.22
C HIS B 86 10.51 18.53 -5.06
N THR B 87 11.75 18.03 -5.15
CA THR B 87 12.76 18.44 -4.19
C THR B 87 12.84 19.96 -4.14
N LYS B 88 12.98 20.58 -5.32
CA LYS B 88 13.05 22.02 -5.42
C LYS B 88 11.81 22.71 -4.87
N VAL B 89 10.62 22.13 -5.12
CA VAL B 89 9.39 22.79 -4.70
C VAL B 89 9.30 22.84 -3.17
N GLU B 90 9.66 21.74 -2.50
CA GLU B 90 9.61 21.70 -1.05
C GLU B 90 10.57 22.71 -0.45
N PHE B 91 11.79 22.78 -0.99
CA PHE B 91 12.77 23.73 -0.48
C PHE B 91 12.22 25.14 -0.50
N LYS B 92 11.69 25.57 -1.64
CA LYS B 92 11.12 26.90 -1.77
C LYS B 92 9.97 27.12 -0.78
N SER B 93 9.19 26.09 -0.49
CA SER B 93 8.05 26.29 0.40
C SER B 93 8.50 26.50 1.84
N SER B 94 9.48 25.72 2.31
CA SER B 94 10.01 25.90 3.66
C SER B 94 11.43 25.34 3.69
N PRO B 95 12.44 26.17 3.40
CA PRO B 95 13.77 25.61 3.15
C PRO B 95 14.48 25.05 4.37
N HIS B 96 14.33 25.66 5.57
CA HIS B 96 15.06 25.14 6.73
C HIS B 96 14.60 23.75 7.15
N ASP B 97 13.42 23.33 6.70
CA ASP B 97 12.93 21.99 7.01
C ASP B 97 13.54 20.95 6.09
N THR B 98 14.02 21.34 4.92
CA THR B 98 14.47 20.33 3.99
C THR B 98 15.85 19.82 4.40
N PRO B 99 16.14 18.55 4.12
CA PRO B 99 17.51 18.04 4.35
C PRO B 99 18.56 18.72 3.50
N LEU B 100 18.17 19.21 2.32
CA LEU B 100 19.11 19.95 1.48
C LEU B 100 19.65 21.16 2.23
N PHE B 101 18.77 21.87 2.94
CA PHE B 101 19.24 22.94 3.81
C PHE B 101 20.23 22.40 4.83
N SER B 102 19.84 21.37 5.59
CA SER B 102 20.67 20.94 6.72
C SER B 102 22.04 20.46 6.25
N SER B 103 22.08 19.79 5.10
CA SER B 103 23.35 19.35 4.53
C SER B 103 24.16 20.53 4.01
N LEU B 104 23.53 21.42 3.22
CA LEU B 104 24.31 22.51 2.67
C LEU B 104 24.79 23.42 3.79
N HIS B 105 23.93 23.65 4.79
CA HIS B 105 24.28 24.53 5.89
C HIS B 105 25.48 24.00 6.67
N TYR B 106 25.53 22.68 6.89
CA TYR B 106 26.67 22.07 7.57
C TYR B 106 27.95 22.31 6.79
N ALA B 107 27.88 22.26 5.46
CA ALA B 107 29.05 22.60 4.65
C ALA B 107 29.38 24.10 4.75
N VAL B 108 28.36 24.95 4.64
CA VAL B 108 28.55 26.39 4.72
C VAL B 108 29.12 26.79 6.08
N GLU B 109 28.65 26.13 7.15
CA GLU B 109 29.18 26.40 8.48
C GLU B 109 30.63 25.94 8.59
N PHE B 110 31.02 24.92 7.82
CA PHE B 110 32.41 24.47 7.87
C PHE B 110 33.32 25.34 7.02
N GLY B 111 32.88 25.71 5.82
CA GLY B 111 33.68 26.61 4.99
C GLY B 111 33.90 27.96 5.66
N PHE B 112 32.87 28.47 6.35
CA PHE B 112 33.03 29.75 7.00
C PHE B 112 33.96 29.69 8.21
N LYS B 113 34.02 28.56 8.91
CA LYS B 113 35.05 28.43 9.94
C LYS B 113 36.43 28.54 9.32
N ARG B 114 36.66 27.88 8.19
CA ARG B 114 37.97 27.92 7.56
C ARG B 114 38.29 29.31 7.04
N SER B 115 37.32 29.99 6.42
CA SER B 115 37.63 31.28 5.79
C SER B 115 37.81 32.38 6.83
N LEU B 116 37.01 32.35 7.90
CA LEU B 116 37.13 33.34 8.96
C LEU B 116 38.42 33.18 9.76
N GLN B 117 38.88 31.96 9.97
CA GLN B 117 40.22 31.75 10.48
C GLN B 117 41.26 32.35 9.54
N ILE B 118 41.09 32.15 8.23
CA ILE B 118 42.05 32.66 7.24
C ILE B 118 42.09 34.18 7.27
N ASN B 119 40.92 34.81 7.41
CA ASN B 119 40.84 36.26 7.59
C ASN B 119 41.12 36.70 9.01
N GLU B 120 41.68 35.79 9.81
CA GLU B 120 42.17 36.09 11.16
C GLU B 120 41.12 36.85 11.97
N SER B 121 39.93 36.24 12.04
CA SER B 121 38.81 36.73 12.83
C SER B 121 38.55 35.78 13.99
N GLU B 122 38.27 36.36 15.17
CA GLU B 122 37.95 35.56 16.35
C GLU B 122 36.67 34.77 16.18
N LEU B 123 35.91 35.03 15.11
CA LEU B 123 34.62 34.38 14.91
C LEU B 123 34.75 32.87 14.65
N THR B 124 35.86 32.45 14.00
CA THR B 124 36.10 31.02 13.79
C THR B 124 35.99 30.21 15.07
N LEU B 125 36.25 30.81 16.23
CA LEU B 125 36.17 30.04 17.47
C LEU B 125 34.74 29.80 17.94
N LEU B 126 33.73 30.31 17.25
CA LEU B 126 32.35 29.98 17.61
C LEU B 126 31.78 28.82 16.81
N ILE B 127 32.47 28.33 15.79
CA ILE B 127 31.95 27.28 14.93
C ILE B 127 32.52 25.93 15.39
N ASP B 128 31.61 25.02 15.72
CA ASP B 128 31.90 23.63 16.09
C ASP B 128 31.62 22.73 14.89
N ASN B 129 32.63 22.46 14.03
CA ASN B 129 32.38 21.76 12.76
C ASN B 129 33.70 21.18 12.27
N ASP B 130 33.76 19.85 12.16
CA ASP B 130 34.91 19.14 11.60
C ASP B 130 34.65 18.61 10.21
N PHE B 131 33.46 18.89 9.66
CA PHE B 131 33.01 18.37 8.38
C PHE B 131 33.04 16.85 8.33
N SER B 132 33.16 16.18 9.48
CA SER B 132 33.25 14.73 9.48
C SER B 132 31.94 14.05 9.83
N ASN B 133 30.94 14.79 10.32
CA ASN B 133 29.69 14.20 10.79
C ASN B 133 29.08 13.30 9.70
N PRO B 134 28.88 12.01 9.97
CA PRO B 134 28.49 11.09 8.89
C PRO B 134 27.10 11.34 8.34
N ASP B 135 26.18 11.86 9.16
CA ASP B 135 24.87 12.28 8.67
C ASP B 135 24.96 13.22 7.47
N TYR B 136 26.06 13.98 7.35
CA TYR B 136 26.13 14.97 6.29
C TYR B 136 27.20 14.69 5.25
N THR B 137 28.17 13.81 5.56
CA THR B 137 29.30 13.65 4.63
C THR B 137 28.87 13.07 3.29
N GLU B 138 27.82 12.24 3.27
CA GLU B 138 27.35 11.58 2.05
C GLU B 138 26.26 12.37 1.34
N ALA B 139 26.12 13.66 1.65
CA ALA B 139 25.00 14.43 1.14
C ALA B 139 25.13 14.55 -0.36
N GLU B 140 24.05 14.22 -1.07
CA GLU B 140 24.07 14.27 -2.52
C GLU B 140 24.44 15.67 -3.04
N ILE B 141 24.00 16.73 -2.34
CA ILE B 141 24.34 18.09 -2.77
C ILE B 141 25.85 18.31 -2.86
N TYR B 142 26.63 17.64 -2.01
CA TYR B 142 28.07 17.78 -2.12
C TYR B 142 28.60 17.20 -3.44
N LYS B 143 27.88 16.29 -4.07
CA LYS B 143 28.43 15.67 -5.27
C LYS B 143 28.01 16.38 -6.54
N VAL B 144 27.08 17.33 -6.44
CA VAL B 144 26.69 18.14 -7.57
C VAL B 144 27.93 18.72 -8.22
N SER B 145 28.03 18.58 -9.54
CA SER B 145 29.23 19.00 -10.24
C SER B 145 29.50 20.48 -10.01
N GLY B 146 30.74 20.81 -9.66
CA GLY B 146 31.16 22.18 -9.47
C GLY B 146 30.65 22.87 -8.24
N LEU B 147 29.68 22.30 -7.52
CA LEU B 147 28.95 23.06 -6.51
C LEU B 147 29.83 23.51 -5.36
N LEU B 148 30.57 22.57 -4.77
CA LEU B 148 31.40 22.94 -3.63
C LEU B 148 32.47 23.95 -4.03
N ASP B 149 32.96 23.88 -5.27
CA ASP B 149 33.92 24.86 -5.75
C ASP B 149 33.30 26.26 -5.72
N ALA B 150 32.14 26.41 -6.37
CA ALA B 150 31.40 27.67 -6.29
C ALA B 150 31.18 28.09 -4.85
N LEU B 151 31.02 27.12 -3.94
CA LEU B 151 30.75 27.45 -2.56
C LEU B 151 31.96 28.11 -1.90
N GLN B 152 33.15 27.54 -2.08
CA GLN B 152 34.37 28.14 -1.56
C GLN B 152 34.52 29.58 -2.04
N GLU B 153 34.52 29.77 -3.35
CA GLU B 153 34.54 31.11 -3.92
C GLU B 153 33.56 32.03 -3.20
N TYR B 154 32.29 31.64 -3.21
CA TYR B 154 31.25 32.41 -2.54
C TYR B 154 31.61 32.70 -1.09
N ILE B 155 32.07 31.67 -0.36
CA ILE B 155 32.40 31.87 1.07
C ILE B 155 33.60 32.78 1.22
N LEU B 156 34.60 32.62 0.37
CA LEU B 156 35.81 33.43 0.51
C LEU B 156 35.50 34.91 0.31
N THR B 157 34.74 35.24 -0.72
CA THR B 157 34.48 36.65 -0.99
C THR B 157 33.30 37.22 -0.21
N ARG B 158 32.42 36.37 0.34
CA ARG B 158 31.38 36.90 1.22
C ARG B 158 31.87 37.13 2.66
N THR B 159 33.09 36.68 2.99
CA THR B 159 33.46 36.64 4.42
C THR B 159 33.63 38.04 5.01
N PRO B 160 34.35 38.98 4.38
CA PRO B 160 34.35 40.36 4.90
C PRO B 160 32.96 40.92 5.23
N SER B 161 31.97 40.73 4.34
CA SER B 161 30.63 41.22 4.64
C SER B 161 30.02 40.51 5.85
N VAL B 162 30.26 39.21 5.99
CA VAL B 162 29.69 38.49 7.13
C VAL B 162 30.27 39.00 8.45
N ILE B 163 31.60 39.11 8.54
CA ILE B 163 32.20 39.73 9.73
C ILE B 163 31.54 41.07 9.99
N GLU B 164 31.47 41.88 8.93
CA GLU B 164 30.76 43.15 8.94
C GLU B 164 29.36 43.00 9.52
N GLU B 165 28.62 42.00 9.02
CA GLU B 165 27.23 41.87 9.46
C GLU B 165 27.15 41.35 10.89
N PHE B 166 28.10 40.49 11.31
CA PHE B 166 28.08 40.04 12.70
C PHE B 166 28.39 41.18 13.66
N ASN B 167 29.44 41.96 13.36
CA ASN B 167 29.74 43.10 14.22
C ASN B 167 28.52 44.02 14.36
N ARG B 168 27.84 44.30 13.24
CA ARG B 168 26.70 45.20 13.29
C ARG B 168 25.60 44.65 14.22
N GLN B 169 25.23 43.39 14.03
CA GLN B 169 24.16 42.82 14.85
C GLN B 169 24.60 42.67 16.30
N TRP B 170 25.87 42.37 16.51
CA TRP B 170 26.38 42.24 17.87
C TRP B 170 26.23 43.55 18.65
N GLU B 171 26.73 44.64 18.09
CA GLU B 171 26.54 45.96 18.70
C GLU B 171 25.08 46.19 19.08
N ASN B 172 24.17 45.88 18.17
CA ASN B 172 22.77 46.24 18.41
C ASN B 172 22.20 45.50 19.62
N LYS B 173 22.55 44.22 19.82
CA LYS B 173 21.84 43.47 20.86
C LYS B 173 22.45 43.59 22.25
N LYS B 174 23.65 44.17 22.38
CA LYS B 174 24.23 44.44 23.69
C LYS B 174 23.21 45.10 24.62
N GLN B 175 23.09 44.56 25.83
CA GLN B 175 22.25 45.15 26.88
C GLN B 175 22.96 45.12 28.24
N SER B 181 23.79 41.80 33.31
CA SER B 181 24.66 41.99 32.15
C SER B 181 25.99 41.26 32.33
N LEU B 182 26.73 41.17 31.22
CA LEU B 182 28.07 40.59 31.17
C LEU B 182 28.12 39.25 31.92
N THR B 183 27.41 38.26 31.37
CA THR B 183 27.41 36.91 31.93
C THR B 183 28.57 36.05 31.44
N GLU B 184 29.21 36.43 30.32
CA GLU B 184 30.34 35.73 29.72
C GLU B 184 30.00 34.29 29.35
N LYS B 185 29.72 33.47 30.37
CA LYS B 185 29.16 32.15 30.09
C LYS B 185 28.01 32.27 29.10
N GLU B 186 27.25 33.37 29.18
CA GLU B 186 26.19 33.68 28.23
C GLU B 186 26.55 34.84 27.31
N ILE B 187 27.82 34.97 26.90
CA ILE B 187 28.24 35.89 25.84
C ILE B 187 28.64 35.13 24.58
N GLN B 188 29.43 34.07 24.73
CA GLN B 188 29.68 33.17 23.61
C GLN B 188 28.38 32.59 23.07
N VAL B 189 27.38 32.42 23.95
CA VAL B 189 26.09 31.90 23.51
C VAL B 189 25.48 32.82 22.48
N HIS B 190 25.54 34.13 22.75
CA HIS B 190 24.74 35.06 21.96
C HIS B 190 25.45 35.43 20.68
N GLN B 191 26.77 35.61 20.75
CA GLN B 191 27.56 35.66 19.53
C GLN B 191 27.32 34.43 18.68
N ALA B 192 27.35 33.24 19.30
CA ALA B 192 27.17 32.01 18.55
C ALA B 192 25.88 32.03 17.77
N THR B 193 24.78 32.37 18.44
CA THR B 193 23.47 32.30 17.81
C THR B 193 23.32 33.33 16.68
N ILE B 194 23.74 34.58 16.93
CA ILE B 194 23.69 35.62 15.91
C ILE B 194 24.43 35.18 14.65
N LEU B 195 25.63 34.60 14.82
CA LEU B 195 26.37 34.11 13.67
C LEU B 195 25.67 32.93 13.00
N ASP B 196 25.07 32.03 13.79
CA ASP B 196 24.38 30.92 13.16
C ASP B 196 23.24 31.40 12.28
N ASN B 197 22.47 32.40 12.75
CA ASN B 197 21.41 32.94 11.91
C ASN B 197 21.97 33.53 10.62
N ILE B 198 23.07 34.28 10.71
CA ILE B 198 23.68 34.87 9.52
C ILE B 198 24.11 33.78 8.54
N LEU B 199 24.81 32.76 9.03
CA LEU B 199 25.24 31.66 8.15
C LEU B 199 24.04 30.93 7.53
N ARG B 200 22.94 30.78 8.28
CA ARG B 200 21.77 30.13 7.70
C ARG B 200 21.21 30.93 6.54
N LYS B 201 21.27 32.27 6.65
CA LYS B 201 20.88 33.11 5.53
C LYS B 201 21.86 33.02 4.38
N GLU B 202 23.16 32.94 4.69
CA GLU B 202 24.14 32.66 3.65
C GLU B 202 23.78 31.38 2.88
N THR B 203 23.41 30.32 3.61
CA THR B 203 23.14 29.03 3.00
C THR B 203 22.02 29.12 1.97
N ILE B 204 20.89 29.75 2.34
CA ILE B 204 19.77 29.88 1.43
C ILE B 204 20.10 30.83 0.27
N ASP B 205 20.69 31.99 0.58
CA ASP B 205 21.08 32.91 -0.47
C ASP B 205 21.91 32.21 -1.52
N PHE B 206 22.88 31.40 -1.09
CA PHE B 206 23.76 30.80 -2.08
C PHE B 206 22.99 29.90 -3.03
N LEU B 207 21.85 29.35 -2.59
CA LEU B 207 21.08 28.47 -3.44
C LEU B 207 20.08 29.23 -4.31
N LEU B 208 19.53 30.33 -3.80
CA LEU B 208 18.57 31.13 -4.54
C LEU B 208 19.21 32.18 -5.45
N ALA B 209 20.53 32.39 -5.36
CA ALA B 209 21.23 33.36 -6.19
C ALA B 209 21.01 33.13 -7.69
N GLU B 210 21.08 34.23 -8.46
CA GLU B 210 21.02 34.23 -9.92
C GLU B 210 19.83 33.42 -10.45
N ASN B 211 18.67 33.68 -9.86
CA ASN B 211 17.44 32.97 -10.20
C ASN B 211 17.55 31.48 -9.92
N GLU B 212 18.07 31.15 -8.73
CA GLU B 212 18.11 29.77 -8.24
C GLU B 212 19.03 28.90 -9.09
N LYS B 213 20.20 29.45 -9.44
CA LYS B 213 21.11 28.71 -10.30
C LYS B 213 21.66 27.45 -9.62
N HIS B 214 22.24 27.60 -8.41
CA HIS B 214 22.75 26.42 -7.74
C HIS B 214 21.60 25.50 -7.31
N LEU B 215 20.43 26.06 -7.00
CA LEU B 215 19.30 25.21 -6.67
C LEU B 215 18.86 24.38 -7.87
N ASP B 216 18.86 24.97 -9.07
CA ASP B 216 18.54 24.21 -10.27
C ASP B 216 19.65 23.24 -10.62
N GLU B 217 20.90 23.59 -10.26
CA GLU B 217 22.01 22.67 -10.51
C GLU B 217 21.85 21.38 -9.71
N TYR B 218 21.32 21.47 -8.49
CA TYR B 218 20.94 20.29 -7.73
C TYR B 218 19.80 19.53 -8.40
N ARG B 219 18.78 20.26 -8.87
CA ARG B 219 17.68 19.60 -9.52
C ARG B 219 18.18 18.75 -10.67
N GLU B 220 19.05 19.33 -11.51
CA GLU B 220 19.57 18.60 -12.66
C GLU B 220 20.45 17.44 -12.22
N HIS B 221 21.19 17.60 -11.12
CA HIS B 221 21.94 16.48 -10.59
C HIS B 221 21.04 15.29 -10.27
N LEU B 222 19.98 15.54 -9.49
CA LEU B 222 19.01 14.51 -9.19
C LEU B 222 18.39 13.91 -10.45
N ARG B 223 18.33 14.67 -11.56
CA ARG B 223 17.79 14.10 -12.79
C ARG B 223 18.80 13.21 -13.52
N ARG B 224 20.10 13.37 -13.26
CA ARG B 224 21.09 12.53 -13.93
C ARG B 224 21.03 11.13 -13.32
N GLU B 225 20.85 10.13 -14.18
CA GLU B 225 20.45 8.79 -13.78
C GLU B 225 21.53 8.04 -12.98
N PHE B 226 22.75 8.57 -12.89
CA PHE B 226 23.74 7.95 -12.02
C PHE B 226 23.46 8.21 -10.54
N VAL B 227 22.52 9.09 -10.23
CA VAL B 227 22.27 9.49 -8.85
C VAL B 227 21.26 8.51 -8.25
N TRP B 228 21.74 7.73 -7.29
CA TRP B 228 20.90 6.75 -6.61
C TRP B 228 19.80 7.45 -5.83
N GLY B 229 18.55 7.04 -6.09
CA GLY B 229 17.43 7.51 -5.29
C GLY B 229 17.57 7.16 -3.82
N SER B 230 17.67 8.19 -3.00
CA SER B 230 17.69 8.03 -1.55
C SER B 230 16.33 7.57 -1.02
N GLU B 231 16.33 7.10 0.23
CA GLU B 231 15.06 6.91 0.92
C GLU B 231 14.38 8.25 1.14
N GLU B 232 15.17 9.28 1.45
CA GLU B 232 14.63 10.63 1.57
C GLU B 232 13.92 11.06 0.29
N THR B 233 14.53 10.81 -0.87
CA THR B 233 13.84 11.25 -2.08
C THR B 233 12.57 10.45 -2.31
N LEU B 234 12.53 9.19 -1.84
CA LEU B 234 11.31 8.39 -1.95
C LEU B 234 10.11 9.13 -1.39
N MET B 235 10.25 9.72 -0.20
CA MET B 235 9.08 10.31 0.44
C MET B 235 8.67 11.63 -0.23
N VAL B 236 9.62 12.33 -0.86
CA VAL B 236 9.27 13.50 -1.66
C VAL B 236 8.40 13.09 -2.84
N LEU B 237 8.87 12.08 -3.57
CA LEU B 237 8.14 11.59 -4.73
C LEU B 237 6.74 11.16 -4.35
N HIS B 238 6.59 10.49 -3.21
CA HIS B 238 5.29 9.94 -2.84
C HIS B 238 4.34 11.03 -2.36
N ARG B 239 4.90 12.11 -1.82
CA ARG B 239 4.11 13.30 -1.51
C ARG B 239 3.72 14.04 -2.78
N ALA B 240 4.61 14.07 -3.77
CA ALA B 240 4.23 14.62 -5.07
C ALA B 240 3.19 13.75 -5.77
N ILE B 241 3.36 12.43 -5.74
CA ILE B 241 2.40 11.57 -6.42
C ILE B 241 1.01 11.77 -5.82
N GLN B 242 0.91 11.73 -4.49
CA GLN B 242 -0.34 12.02 -3.82
C GLN B 242 -0.75 13.47 -3.89
N GLY B 243 0.03 14.32 -4.56
CA GLY B 243 -0.26 15.74 -4.62
C GLY B 243 -0.41 16.41 -3.27
N GLU B 244 0.40 15.99 -2.29
CA GLU B 244 0.39 16.65 -0.99
C GLU B 244 0.78 18.12 -1.13
N ARG B 245 0.06 18.98 -0.41
CA ARG B 245 0.36 20.41 -0.40
C ARG B 245 -0.27 21.04 0.82
N MET B 246 0.15 22.27 1.10
CA MET B 246 -0.52 23.14 2.08
C MET B 246 -1.02 24.37 1.33
N VAL B 247 -2.32 24.62 1.40
CA VAL B 247 -2.95 25.70 0.64
C VAL B 247 -3.85 26.50 1.57
N ARG B 248 -3.91 27.81 1.33
CA ARG B 248 -4.66 28.69 2.22
C ARG B 248 -6.14 28.66 1.84
N ASN B 249 -6.98 28.31 2.81
CA ASN B 249 -8.41 28.23 2.58
C ASN B 249 -9.13 29.37 3.27
N GLU B 255 -4.54 25.36 4.77
CA GLU B 255 -5.07 24.01 4.99
C GLU B 255 -4.29 22.96 4.17
N PRO B 256 -3.69 21.96 4.85
CA PRO B 256 -2.98 20.88 4.15
C PRO B 256 -3.97 19.92 3.49
N VAL B 257 -3.94 19.89 2.16
CA VAL B 257 -4.86 19.06 1.40
C VAL B 257 -4.09 18.17 0.42
N TYR B 258 -4.63 16.98 0.19
CA TYR B 258 -4.10 15.89 -0.63
C TYR B 258 -4.92 15.77 -1.92
N ASP B 259 -4.37 15.02 -2.88
CA ASP B 259 -5.16 14.56 -4.02
C ASP B 259 -5.51 13.09 -3.94
N HIS B 260 -4.60 12.29 -3.41
CA HIS B 260 -4.81 10.89 -3.08
C HIS B 260 -4.21 10.62 -1.72
N GLU B 261 -4.68 9.54 -1.10
CA GLU B 261 -3.98 8.88 -0.01
C GLU B 261 -3.64 7.49 -0.50
N ILE B 262 -2.35 7.17 -0.52
CA ILE B 262 -1.82 5.93 -1.06
C ILE B 262 -0.90 5.41 0.02
N ILE B 263 -1.40 4.51 0.86
CA ILE B 263 -0.58 3.94 1.93
C ILE B 263 0.60 3.21 1.31
N LEU B 264 1.79 3.74 1.53
CA LEU B 264 3.02 3.11 1.10
C LEU B 264 3.67 2.43 2.32
N HIS B 265 4.33 1.30 2.09
CA HIS B 265 5.12 0.67 3.15
C HIS B 265 6.47 0.31 2.58
N VAL B 266 7.51 0.55 3.37
CA VAL B 266 8.85 0.09 3.07
C VAL B 266 9.15 -1.10 3.97
N HIS B 267 9.50 -2.22 3.35
CA HIS B 267 10.10 -3.34 4.04
C HIS B 267 11.62 -3.14 4.01
N ARG B 268 12.29 -3.60 5.06
CA ARG B 268 13.72 -3.36 5.25
C ARG B 268 14.41 -4.71 5.48
N ASN B 269 15.21 -5.13 4.51
CA ASN B 269 15.81 -6.47 4.47
C ASN B 269 14.75 -7.55 4.71
N GLY B 270 13.61 -7.40 4.05
CA GLY B 270 12.54 -8.38 4.07
C GLY B 270 11.54 -8.24 5.21
N ALA B 271 11.85 -7.44 6.23
CA ALA B 271 10.99 -7.32 7.40
C ALA B 271 9.71 -6.56 7.04
N SER B 272 8.70 -6.64 7.91
CA SER B 272 7.45 -5.93 7.64
C SER B 272 7.12 -4.93 8.75
N PRO B 273 6.43 -3.83 8.42
CA PRO B 273 5.98 -2.90 9.45
C PRO B 273 4.99 -3.54 10.42
N GLY B 278 -2.91 1.30 8.39
CA GLY B 278 -3.78 0.36 7.72
C GLY B 278 -3.10 -0.48 6.66
N SER B 279 -3.90 -1.09 5.76
CA SER B 279 -3.35 -2.00 4.76
C SER B 279 -2.66 -1.20 3.65
N PRO B 280 -1.52 -1.69 3.15
CA PRO B 280 -0.72 -0.91 2.20
C PRO B 280 -1.04 -1.22 0.75
N GLU B 281 -1.03 -0.17 -0.08
CA GLU B 281 -1.30 -0.31 -1.50
C GLU B 281 -0.03 -0.33 -2.36
N MET B 282 1.11 0.12 -1.82
CA MET B 282 2.39 -0.07 -2.49
C MET B 282 3.42 -0.51 -1.45
N ILE B 283 4.28 -1.46 -1.85
CA ILE B 283 5.32 -2.02 -1.00
C ILE B 283 6.65 -1.93 -1.73
N LEU B 284 7.65 -1.35 -1.07
CA LEU B 284 9.02 -1.49 -1.53
C LEU B 284 9.84 -2.15 -0.45
N ASN B 285 10.76 -3.00 -0.87
CA ASN B 285 11.78 -3.51 0.03
C ASN B 285 13.07 -2.76 -0.24
N ASN B 286 13.68 -2.25 0.85
CA ASN B 286 14.92 -1.47 0.81
C ASN B 286 16.01 -2.32 1.43
N GLU B 287 16.83 -2.95 0.58
CA GLU B 287 17.93 -3.81 1.01
C GLU B 287 19.12 -2.94 1.37
N GLY B 288 19.20 -2.56 2.65
CA GLY B 288 20.28 -1.75 3.21
C GLY B 288 20.81 -0.61 2.36
N ASN B 289 19.92 0.04 1.60
CA ASN B 289 20.22 1.21 0.74
C ASN B 289 21.16 0.89 -0.42
N VAL B 290 21.01 -0.30 -1.02
CA VAL B 290 21.81 -0.66 -2.19
C VAL B 290 20.90 -1.17 -3.31
N HIS B 291 19.84 -1.88 -2.94
CA HIS B 291 18.94 -2.47 -3.92
C HIS B 291 17.51 -2.25 -3.50
N TRP B 292 16.70 -1.75 -4.43
CA TRP B 292 15.27 -1.58 -4.23
C TRP B 292 14.50 -2.55 -5.10
N THR B 293 13.46 -3.14 -4.52
CA THR B 293 12.58 -4.09 -5.17
C THR B 293 11.16 -3.75 -4.73
N SER B 294 10.18 -3.89 -5.62
CA SER B 294 8.82 -3.74 -5.16
C SER B 294 8.16 -5.10 -4.98
N ILE B 295 7.09 -5.10 -4.19
CA ILE B 295 6.45 -6.29 -3.70
C ILE B 295 4.95 -6.13 -3.89
N ILE B 296 4.34 -7.00 -4.68
CA ILE B 296 2.89 -6.93 -4.90
C ILE B 296 2.18 -7.26 -3.59
N PRO B 297 1.26 -6.41 -3.10
CA PRO B 297 0.57 -6.62 -1.81
C PRO B 297 -0.13 -7.98 -1.68
PT PT C . -27.94 -6.06 1.26
PT PT D . -12.53 -7.51 -6.08
PT PT E . -11.98 -11.77 -7.96
PT PT F . -14.58 -10.59 -10.82
PT PT G . -8.70 -25.36 -11.92
PT PT H . 16.77 2.93 -10.29
PT PT I . 8.50 9.96 5.09
PT PT J . 12.44 6.27 3.68
PT PT K . 5.86 5.58 4.62
PT PT L . 0.44 24.57 5.65
#